data_2FDT
#
_entry.id   2FDT
#
_entity_poly.entity_id   1
_entity_poly.type   'polyribonucleotide'
_entity_poly.pdbx_seq_one_letter_code
;GGUUGUACGUCGCUUUGGAUAAAAGCGUCUGCGACC
;
_entity_poly.pdbx_strand_id   A
#